data_8K2P
#
_entry.id   8K2P
#
_cell.length_a   80.481
_cell.length_b   133.562
_cell.length_c   143.386
_cell.angle_alpha   90.00
_cell.angle_beta   90.00
_cell.angle_gamma   90.00
#
_symmetry.space_group_name_H-M   'I 21 21 21'
#
loop_
_entity.id
_entity.type
_entity.pdbx_description
1 polymer 'Glutathione S-transferase'
2 water water
#
_entity_poly.entity_id   1
_entity_poly.type   'polypeptide(L)'
_entity_poly.pdbx_seq_one_letter_code
;GSMPPTSTTSNPIVFYDIATRPPVEKTCCSPNPWKTRLALNFKDLPYSTSWVALPDISKVRGSLKVPPCRKFADGTDAFT
LPIIEDPATDSLVGDSFDIAVYLQKTYPKSGAGDLFPPQSLDYVFKHNGILVPLSECRESEFPEYARFNMNIDAAFTTHT
QLTVQGFPFDPATAEATKAEFVRRGGVSCWDDFALVGEQREKMMDSFQNMLGDLAKLFLKDTSGPFLLGTKASYADLMIG
AWLRMMHVTLPESEWEEVRSWHEGIFGQLYDALETYAEVK
;
_entity_poly.pdbx_strand_id   A,B
#
# COMPACT_ATOMS: atom_id res chain seq x y z
N ASN A 11 -15.78 -9.84 25.84
CA ASN A 11 -15.46 -8.63 26.60
C ASN A 11 -15.34 -7.34 25.76
N PRO A 12 -14.56 -7.35 24.67
CA PRO A 12 -14.34 -6.11 23.92
C PRO A 12 -15.49 -5.79 22.97
N ILE A 13 -15.67 -4.49 22.72
CA ILE A 13 -16.72 -4.04 21.82
C ILE A 13 -16.45 -4.53 20.41
N VAL A 14 -17.52 -4.85 19.68
CA VAL A 14 -17.43 -5.24 18.27
C VAL A 14 -18.02 -4.10 17.44
N PHE A 15 -17.26 -3.63 16.46
CA PHE A 15 -17.58 -2.44 15.70
C PHE A 15 -17.76 -2.87 14.25
N TYR A 16 -18.94 -2.61 13.69
CA TYR A 16 -19.22 -2.98 12.31
C TYR A 16 -19.05 -1.76 11.41
N ASP A 17 -18.22 -1.91 10.37
CA ASP A 17 -17.78 -0.84 9.49
C ASP A 17 -17.94 -1.31 8.06
N ILE A 18 -17.88 -0.37 7.13
CA ILE A 18 -18.14 -0.64 5.71
C ILE A 18 -16.84 -1.05 5.02
N ALA A 19 -16.85 -2.24 4.40
CA ALA A 19 -15.68 -2.78 3.73
C ALA A 19 -15.35 -1.97 2.48
N THR A 20 -14.08 -1.63 2.32
CA THR A 20 -13.53 -0.95 1.15
C THR A 20 -12.39 -1.80 0.57
N ARG A 21 -11.81 -1.32 -0.52
CA ARG A 21 -10.76 -2.05 -1.23
C ARG A 21 -9.56 -2.33 -0.32
N PRO A 22 -8.94 -3.51 -0.42
CA PRO A 22 -7.73 -3.75 0.38
C PRO A 22 -6.64 -2.75 0.03
N PRO A 23 -5.81 -2.36 1.02
CA PRO A 23 -5.88 -2.68 2.46
C PRO A 23 -6.91 -1.79 3.17
N VAL A 24 -7.93 -2.44 3.73
CA VAL A 24 -9.05 -1.73 4.32
C VAL A 24 -8.58 -0.74 5.39
N GLU A 25 -7.48 -1.06 6.10
CA GLU A 25 -7.01 -0.16 7.14
C GLU A 25 -6.61 1.20 6.58
N LYS A 26 -6.23 1.27 5.30
CA LYS A 26 -5.87 2.56 4.73
C LYS A 26 -6.95 3.14 3.83
N THR A 27 -7.85 2.32 3.31
CA THR A 27 -8.85 2.83 2.39
C THR A 27 -10.21 3.11 3.05
N CYS A 28 -10.44 2.64 4.28
CA CYS A 28 -11.78 2.76 4.86
C CYS A 28 -12.14 4.23 4.99
N CYS A 29 -13.31 4.60 4.45
CA CYS A 29 -13.57 6.03 4.28
C CYS A 29 -15.02 6.45 4.48
N SER A 30 -15.88 5.62 5.07
CA SER A 30 -17.29 6.02 5.29
C SER A 30 -17.38 7.00 6.45
N PRO A 31 -17.94 8.19 6.25
CA PRO A 31 -17.85 9.21 7.32
C PRO A 31 -18.57 8.84 8.61
N ASN A 32 -19.77 8.25 8.54
CA ASN A 32 -20.46 7.93 9.78
C ASN A 32 -19.74 6.84 10.58
N PRO A 33 -19.33 5.72 9.99
CA PRO A 33 -18.47 4.81 10.77
C PRO A 33 -17.22 5.50 11.30
N TRP A 34 -16.62 6.43 10.55
CA TRP A 34 -15.42 7.07 11.07
C TRP A 34 -15.71 7.92 12.31
N LYS A 35 -16.91 8.51 12.42
CA LYS A 35 -17.29 9.21 13.65
C LYS A 35 -17.23 8.28 14.85
N THR A 36 -17.80 7.08 14.72
CA THR A 36 -17.77 6.10 15.80
C THR A 36 -16.36 5.60 16.10
N ARG A 37 -15.56 5.36 15.05
CA ARG A 37 -14.17 4.97 15.27
C ARG A 37 -13.42 6.05 16.07
N LEU A 38 -13.54 7.31 15.64
CA LEU A 38 -12.93 8.38 16.40
C LEU A 38 -13.44 8.40 17.85
N ALA A 39 -14.75 8.21 18.05
CA ALA A 39 -15.30 8.29 19.40
C ALA A 39 -14.82 7.12 20.26
N LEU A 40 -14.71 5.94 19.67
CA LEU A 40 -14.17 4.78 20.40
C LEU A 40 -12.71 4.99 20.78
N ASN A 41 -11.90 5.53 19.86
CA ASN A 41 -10.49 5.79 20.17
C ASN A 41 -10.37 6.92 21.19
N PHE A 42 -11.22 7.93 21.05
CA PHE A 42 -11.25 9.04 22.01
C PHE A 42 -11.50 8.54 23.42
N LYS A 43 -12.49 7.66 23.58
CA LYS A 43 -12.73 7.03 24.87
C LYS A 43 -11.70 5.97 25.21
N ASP A 44 -10.80 5.63 24.27
CA ASP A 44 -9.70 4.67 24.47
C ASP A 44 -10.21 3.29 24.85
N LEU A 45 -11.24 2.82 24.15
CA LEU A 45 -11.91 1.59 24.55
C LEU A 45 -11.39 0.41 23.76
N PRO A 46 -11.35 -0.77 24.38
CA PRO A 46 -11.01 -1.98 23.62
C PRO A 46 -12.15 -2.34 22.67
N TYR A 47 -11.80 -2.52 21.40
CA TYR A 47 -12.74 -2.95 20.37
C TYR A 47 -11.96 -3.58 19.24
N SER A 48 -12.67 -4.40 18.45
CA SER A 48 -12.16 -4.88 17.17
C SER A 48 -13.21 -4.60 16.11
N THR A 49 -12.75 -4.45 14.87
CA THR A 49 -13.62 -4.09 13.76
C THR A 49 -13.97 -5.32 12.94
N SER A 50 -15.25 -5.47 12.64
CA SER A 50 -15.71 -6.41 11.62
C SER A 50 -16.12 -5.61 10.39
N TRP A 51 -15.59 -5.98 9.23
CA TRP A 51 -15.87 -5.26 8.00
C TRP A 51 -17.05 -5.89 7.27
N VAL A 52 -18.01 -5.04 6.88
CA VAL A 52 -19.24 -5.50 6.26
C VAL A 52 -19.30 -4.97 4.84
N ALA A 53 -19.61 -5.84 3.88
CA ALA A 53 -19.74 -5.47 2.48
C ALA A 53 -21.16 -4.97 2.19
N LEU A 54 -21.28 -3.67 1.87
CA LEU A 54 -22.53 -2.99 1.52
C LEU A 54 -23.71 -3.39 2.42
N THR A 80 -27.44 2.13 7.67
CA THR A 80 -27.58 1.05 8.63
C THR A 80 -26.28 0.86 9.43
N LEU A 81 -25.12 1.10 8.79
CA LEU A 81 -23.89 1.11 9.58
C LEU A 81 -23.47 2.54 9.92
N PRO A 82 -22.75 2.78 11.03
CA PRO A 82 -22.10 1.83 11.97
C PRO A 82 -23.02 1.16 12.98
N ILE A 83 -22.62 -0.02 13.46
CA ILE A 83 -23.26 -0.69 14.59
C ILE A 83 -22.16 -1.12 15.54
N ILE A 84 -22.41 -1.02 16.84
CA ILE A 84 -21.51 -1.63 17.82
C ILE A 84 -22.30 -2.61 18.69
N GLU A 85 -21.58 -3.60 19.21
CA GLU A 85 -22.09 -4.50 20.23
C GLU A 85 -21.17 -4.40 21.44
N ASP A 86 -21.75 -4.09 22.60
CA ASP A 86 -20.97 -3.95 23.82
C ASP A 86 -21.32 -5.08 24.78
N PRO A 87 -20.48 -6.11 24.89
CA PRO A 87 -20.79 -7.24 25.78
C PRO A 87 -20.82 -6.87 27.26
N ALA A 88 -20.32 -5.69 27.64
CA ALA A 88 -20.37 -5.28 29.04
C ALA A 88 -21.76 -4.85 29.47
N THR A 89 -22.64 -4.56 28.52
CA THR A 89 -24.02 -4.21 28.81
C THR A 89 -24.99 -5.01 27.96
N ASP A 90 -24.49 -5.95 27.14
CA ASP A 90 -25.31 -6.73 26.23
C ASP A 90 -26.16 -5.84 25.33
N SER A 91 -25.55 -4.76 24.84
CA SER A 91 -26.28 -3.80 24.03
C SER A 91 -25.82 -3.89 22.58
N LEU A 92 -26.76 -3.64 21.69
CA LEU A 92 -26.49 -3.54 20.27
C LEU A 92 -27.07 -2.20 19.84
N VAL A 93 -26.19 -1.25 19.53
CA VAL A 93 -26.57 0.13 19.23
C VAL A 93 -26.14 0.46 17.81
N GLY A 94 -27.10 0.92 17.00
CA GLY A 94 -26.84 1.46 15.69
C GLY A 94 -26.94 2.98 15.65
N ASP A 95 -26.44 3.54 14.54
CA ASP A 95 -26.42 4.98 14.26
C ASP A 95 -25.30 5.68 15.02
N SER A 96 -24.50 6.48 14.29
CA SER A 96 -23.28 7.05 14.85
C SER A 96 -23.58 7.97 16.03
N PHE A 97 -24.56 8.86 15.88
CA PHE A 97 -24.89 9.78 16.96
C PHE A 97 -25.34 9.04 18.21
N ASP A 98 -26.20 8.03 18.04
CA ASP A 98 -26.69 7.28 19.20
C ASP A 98 -25.59 6.42 19.81
N ILE A 99 -24.64 5.93 19.00
CA ILE A 99 -23.50 5.22 19.58
C ILE A 99 -22.68 6.17 20.45
N ALA A 100 -22.47 7.40 19.96
CA ALA A 100 -21.70 8.37 20.72
C ALA A 100 -22.39 8.73 22.03
N VAL A 101 -23.71 8.86 22.02
CA VAL A 101 -24.44 9.11 23.26
C VAL A 101 -24.28 7.94 24.21
N TYR A 102 -24.45 6.71 23.69
CA TYR A 102 -24.25 5.52 24.50
C TYR A 102 -22.87 5.50 25.13
N LEU A 103 -21.83 5.78 24.33
CA LEU A 103 -20.46 5.75 24.85
C LEU A 103 -20.24 6.79 25.92
N GLN A 104 -20.88 7.95 25.78
CA GLN A 104 -20.73 9.00 26.79
C GLN A 104 -21.52 8.67 28.06
N LYS A 105 -22.72 8.09 27.92
CA LYS A 105 -23.50 7.75 29.09
C LYS A 105 -22.89 6.57 29.84
N THR A 106 -22.34 5.60 29.12
CA THR A 106 -21.83 4.38 29.73
C THR A 106 -20.40 4.54 30.27
N TYR A 107 -19.54 5.23 29.53
CA TYR A 107 -18.15 5.44 29.92
C TYR A 107 -17.85 6.94 29.94
N PRO A 108 -18.50 7.70 30.83
CA PRO A 108 -18.33 9.15 30.80
C PRO A 108 -16.90 9.58 31.07
N LYS A 109 -16.16 8.81 31.85
CA LYS A 109 -14.85 9.23 32.30
C LYS A 109 -13.70 8.51 31.60
N SER A 110 -13.97 7.63 30.64
CA SER A 110 -12.89 6.92 29.98
C SER A 110 -12.16 7.82 28.99
N GLY A 111 -10.92 7.44 28.68
CA GLY A 111 -10.13 8.09 27.66
C GLY A 111 -10.00 9.59 27.87
N ALA A 112 -10.09 10.33 26.75
CA ALA A 112 -10.06 11.79 26.80
C ALA A 112 -11.26 12.41 27.50
N GLY A 113 -12.13 11.62 28.13
CA GLY A 113 -13.17 12.16 28.98
C GLY A 113 -14.43 12.45 28.20
N ASP A 114 -14.95 13.66 28.36
CA ASP A 114 -16.31 13.98 27.95
C ASP A 114 -16.40 14.18 26.44
N LEU A 115 -17.33 13.46 25.81
CA LEU A 115 -17.57 13.64 24.38
C LEU A 115 -18.46 14.83 24.09
N PHE A 116 -19.24 15.29 25.07
CA PHE A 116 -20.23 16.34 24.85
C PHE A 116 -20.09 17.44 25.88
N PRO A 117 -18.94 18.13 25.90
CA PRO A 117 -18.83 19.31 26.75
C PRO A 117 -19.80 20.38 26.28
N PRO A 118 -20.40 21.12 27.20
CA PRO A 118 -21.33 22.20 26.80
C PRO A 118 -20.64 23.23 25.92
N GLN A 119 -21.31 23.62 24.84
CA GLN A 119 -20.79 24.65 23.95
C GLN A 119 -21.90 25.05 23.01
N SER A 120 -21.75 26.24 22.43
CA SER A 120 -22.73 26.81 21.51
C SER A 120 -22.19 26.62 20.10
N LEU A 121 -22.57 25.50 19.48
CA LEU A 121 -22.23 25.22 18.08
C LEU A 121 -23.18 26.00 17.19
N ASP A 122 -22.83 27.28 16.98
CA ASP A 122 -23.69 28.20 16.22
C ASP A 122 -23.33 28.10 14.74
N TYR A 123 -23.84 27.03 14.12
CA TYR A 123 -23.61 26.79 12.70
C TYR A 123 -24.89 26.33 12.05
N VAL A 124 -25.20 26.88 10.87
CA VAL A 124 -26.32 26.42 10.06
C VAL A 124 -25.81 26.25 8.65
N PHE A 125 -26.03 25.07 8.06
CA PHE A 125 -25.87 24.92 6.62
C PHE A 125 -27.04 25.61 5.95
N LYS A 126 -26.79 26.80 5.40
CA LYS A 126 -27.87 27.61 4.84
C LYS A 126 -28.50 26.99 3.60
N HIS A 127 -27.82 26.03 2.96
CA HIS A 127 -28.36 25.31 1.82
C HIS A 127 -29.18 24.08 2.23
N ASN A 128 -29.58 23.99 3.50
CA ASN A 128 -30.51 22.94 3.89
C ASN A 128 -31.85 23.10 3.20
N GLY A 129 -32.43 24.29 3.26
CA GLY A 129 -33.80 24.45 2.80
C GLY A 129 -34.77 24.03 3.87
N ILE A 130 -36.05 23.96 3.47
CA ILE A 130 -37.14 23.89 4.44
C ILE A 130 -38.22 22.91 3.99
N LEU A 131 -37.99 22.25 2.85
CA LEU A 131 -38.97 21.32 2.29
C LEU A 131 -38.55 19.87 2.34
N VAL A 132 -37.24 19.58 2.35
CA VAL A 132 -36.71 18.22 2.34
C VAL A 132 -36.90 17.58 3.71
N PRO A 133 -37.75 16.57 3.84
CA PRO A 133 -38.14 16.08 5.18
C PRO A 133 -36.98 15.49 5.97
N LEU A 134 -37.02 15.70 7.29
CA LEU A 134 -35.92 15.33 8.18
C LEU A 134 -35.80 13.81 8.35
N SER A 140 -33.45 15.84 21.44
CA SER A 140 -32.83 14.55 21.18
C SER A 140 -31.51 14.40 21.96
N GLU A 141 -31.60 14.52 23.29
CA GLU A 141 -30.50 14.30 24.23
C GLU A 141 -29.50 15.47 24.29
N PHE A 142 -28.55 15.50 23.36
CA PHE A 142 -27.64 16.64 23.27
C PHE A 142 -28.03 17.46 22.05
N PRO A 143 -29.10 18.28 22.15
CA PRO A 143 -29.70 18.85 20.93
C PRO A 143 -28.77 19.72 20.12
N GLU A 144 -27.89 20.48 20.79
CA GLU A 144 -26.93 21.32 20.07
C GLU A 144 -25.93 20.46 19.29
N TYR A 145 -25.47 19.36 19.90
CA TYR A 145 -24.60 18.44 19.17
C TYR A 145 -25.37 17.71 18.07
N ALA A 146 -26.64 17.39 18.31
CA ALA A 146 -27.45 16.69 17.31
C ALA A 146 -27.70 17.54 16.08
N ARG A 147 -28.03 18.82 16.28
CA ARG A 147 -28.24 19.74 15.17
C ARG A 147 -26.94 19.99 14.40
N PHE A 148 -25.82 20.15 15.11
CA PHE A 148 -24.52 20.31 14.44
C PHE A 148 -24.21 19.09 13.55
N ASN A 149 -24.42 17.88 14.09
CA ASN A 149 -24.24 16.65 13.30
C ASN A 149 -24.99 16.72 11.98
N MET A 150 -26.21 17.24 12.02
CA MET A 150 -27.04 17.21 10.82
C MET A 150 -26.60 18.28 9.83
N ASN A 151 -26.15 19.43 10.32
CA ASN A 151 -25.69 20.49 9.44
C ASN A 151 -24.33 20.14 8.81
N ILE A 152 -23.40 19.61 9.61
CA ILE A 152 -22.11 19.16 9.09
C ILE A 152 -22.31 18.13 7.99
N ASP A 153 -23.17 17.12 8.25
CA ASP A 153 -23.42 16.08 7.25
C ASP A 153 -23.98 16.68 5.98
N ALA A 154 -24.95 17.62 6.10
CA ALA A 154 -25.50 18.28 4.93
C ALA A 154 -24.43 19.07 4.20
N ALA A 155 -23.65 19.85 4.96
CA ALA A 155 -22.56 20.63 4.40
C ALA A 155 -21.63 19.77 3.56
N PHE A 156 -21.20 18.63 4.11
CA PHE A 156 -20.18 17.86 3.39
C PHE A 156 -20.77 16.98 2.31
N THR A 157 -22.00 16.49 2.47
CA THR A 157 -22.52 15.54 1.48
C THR A 157 -22.78 16.22 0.14
N THR A 158 -23.16 17.49 0.17
CA THR A 158 -23.39 18.23 -1.06
C THR A 158 -22.14 18.40 -1.91
N HIS A 159 -20.96 18.06 -1.38
CA HIS A 159 -19.73 18.13 -2.16
C HIS A 159 -19.10 16.75 -2.39
N THR A 160 -19.84 15.67 -2.19
CA THR A 160 -19.23 14.35 -2.28
C THR A 160 -19.02 13.89 -3.72
N GLN A 161 -19.55 14.60 -4.71
CA GLN A 161 -19.27 14.28 -6.10
C GLN A 161 -17.79 14.40 -6.42
N LEU A 162 -17.06 15.21 -5.65
CA LEU A 162 -15.61 15.30 -5.79
C LEU A 162 -14.91 14.00 -5.43
N THR A 163 -15.55 13.14 -4.65
CA THR A 163 -14.92 11.94 -4.13
C THR A 163 -15.07 10.75 -5.07
N VAL A 164 -15.86 10.90 -6.13
CA VAL A 164 -16.28 9.76 -6.94
C VAL A 164 -15.09 9.10 -7.61
N GLN A 165 -14.24 9.90 -8.28
CA GLN A 165 -13.13 9.33 -9.04
C GLN A 165 -12.12 8.60 -8.16
N GLY A 166 -12.13 8.82 -6.84
CA GLY A 166 -11.12 8.25 -5.99
C GLY A 166 -11.65 7.24 -4.99
N PHE A 167 -12.92 6.87 -5.12
CA PHE A 167 -13.55 6.04 -4.09
C PHE A 167 -12.98 4.63 -4.12
N PRO A 168 -12.58 4.06 -2.97
CA PRO A 168 -11.89 2.73 -2.93
C PRO A 168 -12.86 1.56 -2.86
N PHE A 169 -13.57 1.30 -3.97
CA PHE A 169 -14.64 0.31 -3.98
C PHE A 169 -14.12 -1.05 -3.55
N ASP A 170 -14.90 -1.71 -2.69
CA ASP A 170 -14.78 -3.14 -2.48
C ASP A 170 -15.10 -3.84 -3.80
N PRO A 171 -14.16 -4.59 -4.38
CA PRO A 171 -14.43 -5.23 -5.68
C PRO A 171 -15.67 -6.12 -5.68
N ALA A 172 -16.10 -6.62 -4.51
CA ALA A 172 -17.30 -7.45 -4.44
C ALA A 172 -18.60 -6.62 -4.40
N THR A 173 -18.53 -5.36 -3.98
CA THR A 173 -19.72 -4.50 -4.01
C THR A 173 -19.56 -3.33 -4.98
N ALA A 174 -18.66 -3.45 -5.97
CA ALA A 174 -18.27 -2.32 -6.81
C ALA A 174 -19.35 -1.93 -7.81
N GLU A 175 -19.84 -2.89 -8.60
CA GLU A 175 -20.90 -2.59 -9.56
C GLU A 175 -22.16 -2.12 -8.87
N ALA A 176 -22.45 -2.68 -7.69
CA ALA A 176 -23.64 -2.27 -6.94
C ALA A 176 -23.49 -0.88 -6.31
N THR A 177 -22.31 -0.58 -5.76
CA THR A 177 -22.09 0.72 -5.15
C THR A 177 -22.07 1.83 -6.20
N LYS A 178 -21.49 1.55 -7.37
CA LYS A 178 -21.51 2.53 -8.45
C LYS A 178 -22.95 2.84 -8.86
N ALA A 179 -23.77 1.80 -8.98
CA ALA A 179 -25.19 2.00 -9.29
C ALA A 179 -25.87 2.93 -8.29
N GLU A 180 -25.53 2.79 -7.00
CA GLU A 180 -26.14 3.65 -5.98
C GLU A 180 -25.62 5.08 -6.10
N PHE A 181 -24.32 5.27 -6.32
CA PHE A 181 -23.79 6.61 -6.56
C PHE A 181 -24.43 7.25 -7.78
N VAL A 182 -24.78 6.45 -8.80
CA VAL A 182 -25.40 7.00 -9.99
C VAL A 182 -26.85 7.40 -9.72
N ARG A 183 -27.62 6.53 -9.04
CA ARG A 183 -29.01 6.83 -8.75
C ARG A 183 -29.14 8.06 -7.86
N ARG A 184 -28.15 8.30 -7.00
CA ARG A 184 -28.25 9.35 -6.00
C ARG A 184 -27.63 10.67 -6.43
N GLY A 185 -26.78 10.66 -7.47
CA GLY A 185 -26.27 11.88 -8.04
C GLY A 185 -27.09 12.46 -9.15
N GLY A 186 -28.13 11.76 -9.58
CA GLY A 186 -28.93 12.23 -10.71
C GLY A 186 -28.23 12.16 -12.05
N VAL A 187 -27.24 11.29 -12.20
CA VAL A 187 -26.59 11.09 -13.47
C VAL A 187 -27.15 9.83 -14.12
N SER A 188 -26.89 9.66 -15.40
CA SER A 188 -27.47 8.56 -16.17
C SER A 188 -26.62 7.29 -16.13
N CYS A 189 -25.31 7.42 -16.01
CA CYS A 189 -24.41 6.26 -16.02
C CYS A 189 -23.12 6.65 -15.32
N TRP A 190 -22.33 5.63 -14.98
CA TRP A 190 -21.09 5.87 -14.25
C TRP A 190 -20.18 6.86 -14.97
N ASP A 191 -20.13 6.78 -16.31
CA ASP A 191 -19.26 7.67 -17.09
C ASP A 191 -19.65 9.13 -16.98
N ASP A 192 -20.89 9.43 -16.56
CA ASP A 192 -21.31 10.82 -16.41
C ASP A 192 -20.54 11.55 -15.31
N PHE A 193 -19.89 10.82 -14.41
CA PHE A 193 -19.15 11.43 -13.33
C PHE A 193 -17.77 11.85 -13.81
N GLU A 198 -12.35 21.83 -15.85
CA GLU A 198 -12.96 23.14 -15.60
C GLU A 198 -14.08 23.06 -14.57
N GLN A 199 -15.13 22.28 -14.88
CA GLN A 199 -16.26 22.13 -13.96
C GLN A 199 -15.84 21.52 -12.62
N ARG A 200 -14.71 20.81 -12.58
CA ARG A 200 -14.18 20.37 -11.29
C ARG A 200 -13.70 21.55 -10.46
N GLU A 201 -12.97 22.49 -11.08
CA GLU A 201 -12.53 23.68 -10.37
C GLU A 201 -13.71 24.39 -9.71
N LYS A 202 -14.81 24.53 -10.45
CA LYS A 202 -16.03 25.07 -9.89
C LYS A 202 -16.44 24.32 -8.62
N MET A 203 -16.47 22.98 -8.70
CA MET A 203 -16.87 22.18 -7.54
C MET A 203 -15.96 22.44 -6.35
N MET A 204 -14.63 22.46 -6.58
CA MET A 204 -13.67 22.74 -5.52
C MET A 204 -13.92 24.10 -4.89
N ASP A 205 -14.34 25.08 -5.71
CA ASP A 205 -14.57 26.43 -5.19
C ASP A 205 -15.74 26.44 -4.22
N SER A 206 -16.86 25.82 -4.63
CA SER A 206 -18.00 25.73 -3.72
C SER A 206 -17.61 25.04 -2.42
N PHE A 207 -16.89 23.92 -2.54
CA PHE A 207 -16.38 23.23 -1.36
C PHE A 207 -15.59 24.18 -0.47
N GLN A 208 -14.66 24.92 -1.06
CA GLN A 208 -13.86 25.90 -0.31
C GLN A 208 -14.73 26.98 0.32
N ASN A 209 -15.78 27.41 -0.39
CA ASN A 209 -16.72 28.37 0.18
C ASN A 209 -17.35 27.84 1.46
N MET A 210 -17.87 26.61 1.40
CA MET A 210 -18.49 26.01 2.58
C MET A 210 -17.50 25.93 3.72
N LEU A 211 -16.27 25.50 3.43
CA LEU A 211 -15.26 25.34 4.46
C LEU A 211 -14.92 26.66 5.12
N GLY A 212 -14.95 27.76 4.34
CA GLY A 212 -14.73 29.07 4.91
C GLY A 212 -15.78 29.46 5.93
N ASP A 213 -17.05 29.15 5.64
CA ASP A 213 -18.10 29.41 6.61
C ASP A 213 -17.86 28.61 7.89
N LEU A 214 -17.49 27.34 7.74
CA LEU A 214 -17.30 26.50 8.93
C LEU A 214 -16.06 26.91 9.71
N ALA A 215 -15.01 27.36 9.00
CA ALA A 215 -13.77 27.72 9.67
C ALA A 215 -13.97 28.83 10.70
N LYS A 216 -14.95 29.71 10.49
CA LYS A 216 -15.16 30.82 11.43
C LYS A 216 -15.43 30.30 12.84
N LEU A 217 -16.14 29.18 12.96
CA LEU A 217 -16.38 28.59 14.27
C LEU A 217 -15.08 28.27 14.99
N PHE A 218 -14.03 27.85 14.25
CA PHE A 218 -12.76 27.52 14.87
C PHE A 218 -11.97 28.76 15.26
N LEU A 219 -12.40 29.94 14.84
CA LEU A 219 -11.75 31.18 15.23
C LEU A 219 -12.28 31.74 16.55
N LYS A 220 -13.30 31.12 17.14
CA LYS A 220 -13.78 31.61 18.43
C LYS A 220 -12.78 31.34 19.53
N ASP A 221 -11.94 30.31 19.38
CA ASP A 221 -10.94 29.95 20.39
C ASP A 221 -9.71 29.44 19.65
N THR A 222 -8.72 30.31 19.45
CA THR A 222 -7.53 29.95 18.70
C THR A 222 -6.41 29.40 19.59
N SER A 223 -6.69 29.10 20.86
CA SER A 223 -5.68 28.55 21.74
C SER A 223 -5.30 27.11 21.37
N GLY A 224 -6.19 26.39 20.69
CA GLY A 224 -5.90 25.08 20.17
C GLY A 224 -6.67 24.84 18.89
N PRO A 225 -6.47 23.67 18.27
CA PRO A 225 -7.06 23.43 16.96
C PRO A 225 -8.52 22.96 17.00
N PHE A 226 -9.09 22.71 18.17
CA PHE A 226 -10.45 22.22 18.25
C PHE A 226 -11.44 23.37 18.42
N LEU A 227 -12.73 23.04 18.36
CA LEU A 227 -13.77 24.06 18.52
C LEU A 227 -13.65 24.74 19.86
N LEU A 228 -13.31 23.98 20.90
CA LEU A 228 -13.02 24.55 22.21
C LEU A 228 -11.53 24.65 22.45
N GLY A 229 -10.78 25.09 21.44
CA GLY A 229 -9.35 25.28 21.56
C GLY A 229 -8.57 24.00 21.77
N THR A 230 -8.09 23.79 22.99
CA THR A 230 -7.30 22.60 23.32
C THR A 230 -8.16 21.41 23.75
N LYS A 231 -9.45 21.60 23.99
CA LYS A 231 -10.35 20.53 24.41
C LYS A 231 -11.11 20.02 23.19
N ALA A 232 -10.95 18.73 22.89
CA ALA A 232 -11.66 18.13 21.76
C ALA A 232 -13.07 17.72 22.16
N SER A 233 -13.96 17.67 21.16
CA SER A 233 -15.35 17.31 21.39
C SER A 233 -15.83 16.40 20.27
N TYR A 234 -16.97 15.74 20.50
CA TYR A 234 -17.53 14.90 19.44
C TYR A 234 -17.82 15.72 18.19
N ALA A 235 -18.05 17.03 18.35
CA ALA A 235 -18.27 17.88 17.19
C ALA A 235 -17.01 18.02 16.35
N ASP A 236 -15.84 18.00 16.99
CA ASP A 236 -14.61 17.90 16.22
C ASP A 236 -14.54 16.59 15.45
N LEU A 237 -14.88 15.49 16.11
CA LEU A 237 -14.82 14.18 15.47
C LEU A 237 -15.76 14.10 14.28
N MET A 238 -16.93 14.77 14.38
CA MET A 238 -17.87 14.87 13.27
C MET A 238 -17.19 15.42 12.01
N ILE A 239 -16.48 16.53 12.16
CA ILE A 239 -15.77 17.12 11.02
C ILE A 239 -14.59 16.25 10.62
N GLY A 240 -13.85 15.75 11.61
CA GLY A 240 -12.70 14.90 11.31
C GLY A 240 -13.06 13.69 10.47
N ALA A 241 -14.23 13.10 10.73
CA ALA A 241 -14.64 11.92 9.96
C ALA A 241 -14.85 12.27 8.48
N TRP A 242 -15.38 13.46 8.19
CA TRP A 242 -15.51 13.84 6.79
C TRP A 242 -14.15 14.18 6.19
N LEU A 243 -13.23 14.74 6.98
CA LEU A 243 -11.90 15.02 6.47
C LEU A 243 -11.19 13.72 6.09
N ARG A 244 -11.36 12.67 6.90
CA ARG A 244 -10.78 11.39 6.55
C ARG A 244 -11.32 10.88 5.21
N MET A 245 -12.63 11.02 4.97
CA MET A 245 -13.18 10.60 3.69
C MET A 245 -12.53 11.35 2.53
N MET A 246 -12.37 12.66 2.68
CA MET A 246 -11.75 13.46 1.63
C MET A 246 -10.27 13.11 1.45
N HIS A 247 -9.53 12.95 2.55
CA HIS A 247 -8.13 12.57 2.42
C HIS A 247 -7.97 11.26 1.64
N VAL A 248 -8.89 10.30 1.83
CA VAL A 248 -8.75 9.03 1.15
C VAL A 248 -9.12 9.14 -0.33
N THR A 249 -10.14 9.93 -0.67
CA THR A 249 -10.70 9.90 -2.02
C THR A 249 -10.27 11.05 -2.92
N LEU A 250 -9.70 12.18 -2.34
CA LEU A 250 -9.44 13.27 -3.29
C LEU A 250 -8.05 13.13 -3.90
N PRO A 251 -7.85 13.67 -5.10
CA PRO A 251 -6.49 13.84 -5.63
C PRO A 251 -5.62 14.55 -4.59
N GLU A 252 -4.39 14.05 -4.45
CA GLU A 252 -3.46 14.60 -3.47
C GLU A 252 -3.34 16.12 -3.60
N SER A 253 -3.36 16.63 -4.82
CA SER A 253 -3.30 18.07 -5.02
C SER A 253 -4.51 18.76 -4.39
N GLU A 254 -5.70 18.15 -4.50
CA GLU A 254 -6.89 18.79 -3.96
C GLU A 254 -6.98 18.61 -2.44
N TRP A 255 -6.54 17.47 -1.92
CA TRP A 255 -6.42 17.34 -0.47
C TRP A 255 -5.51 18.42 0.09
N GLU A 256 -4.41 18.71 -0.64
CA GLU A 256 -3.51 19.76 -0.18
C GLU A 256 -4.21 21.11 -0.10
N GLU A 257 -5.01 21.43 -1.12
CA GLU A 257 -5.79 22.67 -1.10
C GLU A 257 -6.74 22.71 0.09
N VAL A 258 -7.57 21.67 0.25
CA VAL A 258 -8.47 21.61 1.40
C VAL A 258 -7.68 21.79 2.68
N ARG A 259 -6.51 21.17 2.73
CA ARG A 259 -5.68 21.14 3.92
C ARG A 259 -5.12 22.51 4.30
N SER A 260 -4.98 23.42 3.33
CA SER A 260 -4.22 24.64 3.55
C SER A 260 -5.06 25.90 3.52
N TRP A 261 -6.20 25.89 2.81
CA TRP A 261 -7.12 27.03 2.78
C TRP A 261 -7.45 27.57 4.16
N HIS A 262 -7.97 28.79 4.21
CA HIS A 262 -8.45 29.40 5.43
C HIS A 262 -7.50 29.11 6.59
N GLU A 263 -6.22 29.47 6.37
CA GLU A 263 -5.17 29.41 7.38
C GLU A 263 -4.90 27.97 7.84
N GLY A 264 -5.11 27.01 6.95
CA GLY A 264 -4.92 25.61 7.28
C GLY A 264 -5.70 25.10 8.48
N ILE A 265 -6.86 25.68 8.78
CA ILE A 265 -7.62 25.26 9.96
C ILE A 265 -8.01 23.79 9.88
N PHE A 266 -8.35 23.30 8.70
CA PHE A 266 -8.78 21.91 8.64
C PHE A 266 -7.58 20.95 8.61
N GLY A 267 -6.48 21.35 7.97
CA GLY A 267 -5.26 20.58 8.08
C GLY A 267 -4.79 20.44 9.50
N GLN A 268 -4.89 21.53 10.28
CA GLN A 268 -4.48 21.48 11.68
C GLN A 268 -5.38 20.55 12.48
N LEU A 269 -6.70 20.62 12.26
CA LEU A 269 -7.62 19.73 12.96
C LEU A 269 -7.38 18.28 12.59
N TYR A 270 -7.17 18.00 11.31
CA TYR A 270 -6.86 16.64 10.86
C TYR A 270 -5.62 16.10 11.58
N ASP A 271 -4.53 16.88 11.58
CA ASP A 271 -3.32 16.46 12.29
C ASP A 271 -3.59 16.25 13.77
N ALA A 272 -4.42 17.12 14.36
CA ALA A 272 -4.66 17.03 15.79
C ALA A 272 -5.50 15.82 16.14
N LEU A 273 -6.28 15.30 15.19
CA LEU A 273 -7.14 14.15 15.42
C LEU A 273 -6.45 12.83 15.13
N GLU A 274 -5.25 12.87 14.55
CA GLU A 274 -4.54 11.64 14.23
C GLU A 274 -4.35 10.77 15.47
N THR A 275 -4.13 11.40 16.62
CA THR A 275 -4.02 10.66 17.87
C THR A 275 -5.25 9.79 18.17
N TYR A 276 -6.38 10.01 17.50
CA TYR A 276 -7.60 9.21 17.67
C TYR A 276 -7.95 8.40 16.43
N ALA A 277 -7.06 8.32 15.44
CA ALA A 277 -7.38 7.75 14.14
C ALA A 277 -6.86 6.32 13.97
N GLU A 278 -6.54 5.62 15.07
CA GLU A 278 -6.08 4.24 14.94
C GLU A 278 -7.17 3.36 14.34
N VAL A 279 -6.82 2.62 13.29
CA VAL A 279 -7.74 1.67 12.68
C VAL A 279 -7.47 0.32 13.35
N LYS A 280 -8.24 0.01 14.37
CA LYS A 280 -8.05 -1.23 15.13
C LYS A 280 -9.37 -1.98 15.28
N PRO B 4 -9.44 -13.66 -8.85
CA PRO B 4 -10.63 -13.80 -8.02
C PRO B 4 -10.47 -13.08 -6.68
N PRO B 5 -10.74 -11.76 -6.65
CA PRO B 5 -10.72 -11.01 -5.38
C PRO B 5 -11.26 -11.79 -4.19
N THR B 6 -10.62 -11.65 -3.04
CA THR B 6 -10.99 -12.47 -1.90
C THR B 6 -12.33 -12.03 -1.27
N SER B 7 -13.02 -12.99 -0.65
CA SER B 7 -14.37 -12.78 -0.11
C SER B 7 -14.38 -11.96 1.18
N THR B 8 -13.23 -11.70 1.79
CA THR B 8 -13.17 -11.27 3.18
C THR B 8 -12.02 -10.30 3.38
N THR B 9 -11.76 -9.96 4.65
CA THR B 9 -10.49 -9.37 5.08
C THR B 9 -10.00 -10.15 6.29
N SER B 10 -8.93 -10.92 6.12
CA SER B 10 -8.51 -11.90 7.14
C SER B 10 -7.09 -11.67 7.64
N ASN B 11 -6.49 -12.72 8.22
CA ASN B 11 -5.11 -12.73 8.71
C ASN B 11 -4.16 -12.23 7.62
N PRO B 12 -3.01 -11.66 7.96
CA PRO B 12 -2.14 -11.10 6.93
C PRO B 12 -1.42 -12.17 6.12
N ILE B 13 -1.05 -11.78 4.90
CA ILE B 13 -0.17 -12.58 4.07
C ILE B 13 1.10 -12.88 4.84
N VAL B 14 1.52 -14.14 4.83
CA VAL B 14 2.82 -14.54 5.35
C VAL B 14 3.80 -14.63 4.19
N PHE B 15 4.93 -13.94 4.32
CA PHE B 15 5.95 -13.87 3.27
C PHE B 15 7.21 -14.52 3.82
N TYR B 16 7.64 -15.62 3.19
CA TYR B 16 8.85 -16.33 3.61
C TYR B 16 10.03 -15.81 2.81
N ASP B 17 10.99 -15.21 3.52
CA ASP B 17 12.15 -14.53 2.96
C ASP B 17 13.43 -15.20 3.47
N ILE B 18 14.54 -14.95 2.76
CA ILE B 18 15.82 -15.58 3.02
C ILE B 18 16.56 -14.76 4.08
N ALA B 19 16.79 -15.35 5.24
CA ALA B 19 17.50 -14.67 6.30
C ALA B 19 18.95 -14.40 5.91
N THR B 20 19.37 -13.15 6.03
CA THR B 20 20.76 -12.75 5.85
C THR B 20 21.30 -12.23 7.19
N ARG B 21 22.55 -11.79 7.17
CA ARG B 21 23.21 -11.35 8.39
C ARG B 21 22.39 -10.24 9.08
N PRO B 22 22.23 -10.29 10.40
CA PRO B 22 21.50 -9.23 11.08
C PRO B 22 22.27 -7.92 11.01
N PRO B 23 21.56 -6.78 10.97
CA PRO B 23 20.11 -6.64 11.00
C PRO B 23 19.55 -6.92 9.63
N VAL B 24 18.64 -7.89 9.56
CA VAL B 24 18.14 -8.39 8.28
C VAL B 24 17.40 -7.31 7.50
N GLU B 25 16.87 -6.28 8.18
CA GLU B 25 16.17 -5.21 7.50
C GLU B 25 17.11 -4.42 6.60
N LYS B 26 18.39 -4.36 6.96
CA LYS B 26 19.40 -3.63 6.20
C LYS B 26 20.16 -4.51 5.20
N THR B 27 20.25 -5.81 5.45
CA THR B 27 21.12 -6.67 4.65
C THR B 27 20.38 -7.58 3.68
N CYS B 28 19.05 -7.72 3.80
CA CYS B 28 18.33 -8.63 2.93
C CYS B 28 18.55 -8.23 1.48
N CYS B 29 19.04 -9.18 0.67
CA CYS B 29 19.50 -8.84 -0.65
C CYS B 29 19.06 -9.83 -1.72
N SER B 30 18.33 -10.86 -1.36
CA SER B 30 18.07 -11.92 -2.33
C SER B 30 17.12 -11.38 -3.40
N PRO B 31 17.44 -11.56 -4.67
CA PRO B 31 16.74 -10.78 -5.70
C PRO B 31 15.35 -11.30 -5.95
N ASN B 32 15.18 -12.63 -5.91
CA ASN B 32 13.83 -13.05 -6.26
C ASN B 32 12.84 -12.71 -5.14
N PRO B 33 13.21 -12.84 -3.86
CA PRO B 33 12.31 -12.35 -2.82
C PRO B 33 12.05 -10.86 -2.88
N TRP B 34 13.03 -10.08 -3.36
CA TRP B 34 12.83 -8.65 -3.47
C TRP B 34 11.78 -8.31 -4.52
N LYS B 35 11.69 -9.10 -5.60
CA LYS B 35 10.58 -8.88 -6.53
C LYS B 35 9.25 -9.01 -5.81
N THR B 36 9.12 -10.01 -4.93
CA THR B 36 7.87 -10.24 -4.22
C THR B 36 7.61 -9.17 -3.18
N ARG B 37 8.64 -8.78 -2.42
CA ARG B 37 8.52 -7.65 -1.49
C ARG B 37 8.04 -6.39 -2.21
N LEU B 38 8.66 -6.07 -3.34
CA LEU B 38 8.29 -4.86 -4.05
C LEU B 38 6.85 -4.95 -4.57
N ALA B 39 6.46 -6.12 -5.02
CA ALA B 39 5.10 -6.27 -5.52
C ALA B 39 4.08 -6.20 -4.37
N LEU B 40 4.40 -6.77 -3.21
CA LEU B 40 3.52 -6.64 -2.05
C LEU B 40 3.40 -5.20 -1.59
N ASN B 41 4.52 -4.46 -1.56
CA ASN B 41 4.48 -3.04 -1.20
C ASN B 41 3.77 -2.21 -2.26
N PHE B 42 3.94 -2.56 -3.52
CA PHE B 42 3.25 -1.91 -4.63
C PHE B 42 1.73 -2.00 -4.45
N LYS B 43 1.24 -3.19 -4.08
CA LYS B 43 -0.17 -3.38 -3.83
C LYS B 43 -0.61 -2.82 -2.48
N ASP B 44 0.34 -2.30 -1.69
CA ASP B 44 0.06 -1.76 -0.36
C ASP B 44 -0.63 -2.80 0.53
N LEU B 45 -0.27 -4.09 0.37
CA LEU B 45 -1.00 -5.09 1.13
C LEU B 45 -0.35 -5.34 2.50
N PRO B 46 -1.15 -5.69 3.49
CA PRO B 46 -0.59 -6.09 4.79
C PRO B 46 0.01 -7.48 4.69
N TYR B 47 1.21 -7.63 5.26
CA TYR B 47 1.90 -8.92 5.32
C TYR B 47 2.91 -8.83 6.45
N SER B 48 3.26 -9.98 7.00
CA SER B 48 4.43 -10.05 7.87
C SER B 48 5.44 -10.97 7.23
N THR B 49 6.71 -10.76 7.56
CA THR B 49 7.78 -11.53 6.96
C THR B 49 8.26 -12.57 7.97
N SER B 50 8.43 -13.80 7.50
CA SER B 50 9.12 -14.85 8.26
C SER B 50 10.48 -15.07 7.61
N TRP B 51 11.55 -14.67 8.32
CA TRP B 51 12.92 -14.87 7.85
C TRP B 51 13.39 -16.27 8.18
N VAL B 52 13.63 -17.09 7.16
CA VAL B 52 14.03 -18.46 7.43
C VAL B 52 15.40 -18.74 6.81
N ALA B 53 16.12 -19.65 7.44
CA ALA B 53 17.31 -20.21 6.82
C ALA B 53 16.89 -20.93 5.54
N LEU B 54 17.66 -20.72 4.49
CA LEU B 54 17.32 -21.28 3.20
C LEU B 54 17.21 -22.80 3.29
N PRO B 55 16.05 -23.39 3.04
CA PRO B 55 15.93 -24.86 3.18
C PRO B 55 16.71 -25.63 2.14
N ASP B 56 16.88 -25.10 0.92
CA ASP B 56 17.53 -25.84 -0.15
C ASP B 56 18.95 -26.25 0.22
N ILE B 57 19.59 -25.49 1.11
CA ILE B 57 20.96 -25.78 1.56
C ILE B 57 20.98 -26.37 2.96
N SER B 58 19.82 -26.53 3.58
CA SER B 58 19.74 -26.97 4.96
C SER B 58 20.06 -28.46 5.08
N LYS B 59 20.83 -28.81 6.13
CA LYS B 59 21.05 -30.21 6.45
C LYS B 59 19.77 -30.88 6.93
N VAL B 60 18.90 -30.11 7.58
CA VAL B 60 17.55 -30.56 7.93
C VAL B 60 16.90 -31.11 6.67
N ARG B 61 16.66 -32.43 6.65
CA ARG B 61 15.99 -33.04 5.50
C ARG B 61 14.57 -32.50 5.39
N GLY B 62 13.98 -32.68 4.20
CA GLY B 62 12.63 -32.22 3.95
C GLY B 62 12.29 -32.25 2.48
N SER B 63 11.05 -31.84 2.18
CA SER B 63 10.56 -31.79 0.81
C SER B 63 10.73 -30.43 0.14
N LEU B 64 11.53 -29.53 0.72
CA LEU B 64 11.71 -28.17 0.19
C LEU B 64 13.18 -28.00 -0.20
N LYS B 65 13.52 -28.48 -1.39
CA LYS B 65 14.92 -28.57 -1.76
C LYS B 65 15.23 -27.91 -3.10
N VAL B 66 14.27 -27.85 -4.01
CA VAL B 66 14.51 -27.25 -5.33
C VAL B 66 13.52 -26.11 -5.56
N PRO B 67 13.88 -25.09 -6.35
CA PRO B 67 12.90 -24.07 -6.73
C PRO B 67 11.71 -24.70 -7.43
N PRO B 68 10.51 -24.21 -7.17
CA PRO B 68 9.32 -24.86 -7.74
C PRO B 68 9.21 -24.60 -9.23
N CYS B 69 8.38 -25.42 -9.88
CA CYS B 69 8.08 -25.21 -11.29
C CYS B 69 7.15 -24.01 -11.43
N ARG B 70 7.43 -23.20 -12.43
CA ARG B 70 6.64 -22.01 -12.72
C ARG B 70 5.44 -22.40 -13.56
N LYS B 71 4.25 -21.96 -13.16
CA LYS B 71 3.05 -22.21 -13.98
C LYS B 71 2.87 -21.19 -15.09
N PHE B 72 3.24 -19.92 -14.87
CA PHE B 72 2.83 -18.84 -15.78
C PHE B 72 3.96 -18.24 -16.60
N ALA B 73 5.19 -18.76 -16.49
CA ALA B 73 6.30 -18.31 -17.31
C ALA B 73 7.33 -19.41 -17.36
N ASP B 74 8.24 -19.29 -18.33
CA ASP B 74 9.37 -20.18 -18.46
C ASP B 74 10.36 -19.92 -17.33
N GLY B 75 11.19 -20.92 -17.07
CA GLY B 75 12.24 -20.82 -16.06
C GLY B 75 11.71 -20.99 -14.64
N THR B 76 12.59 -20.69 -13.69
CA THR B 76 12.33 -20.83 -12.26
C THR B 76 13.03 -19.71 -11.51
N ASP B 77 12.79 -19.64 -10.20
CA ASP B 77 13.63 -18.83 -9.34
C ASP B 77 14.94 -19.59 -9.03
N ALA B 78 15.78 -18.97 -8.20
CA ALA B 78 17.05 -19.56 -7.76
C ALA B 78 16.84 -20.58 -6.64
N PHE B 79 15.92 -20.31 -5.71
CA PHE B 79 15.67 -21.17 -4.56
C PHE B 79 14.17 -21.32 -4.37
N THR B 80 13.79 -22.13 -3.38
CA THR B 80 12.39 -22.33 -3.04
C THR B 80 11.71 -21.02 -2.63
N LEU B 81 12.41 -20.18 -1.87
CA LEU B 81 11.89 -18.86 -1.50
C LEU B 81 12.12 -17.86 -2.63
N PRO B 82 11.21 -16.92 -2.85
CA PRO B 82 10.06 -16.52 -2.03
C PRO B 82 8.90 -17.50 -1.98
N ILE B 83 8.19 -17.50 -0.88
CA ILE B 83 6.92 -18.18 -0.74
C ILE B 83 5.97 -17.23 -0.01
N ILE B 84 4.74 -17.10 -0.49
CA ILE B 84 3.73 -16.40 0.29
C ILE B 84 2.56 -17.34 0.55
N GLU B 85 1.93 -17.14 1.70
CA GLU B 85 0.63 -17.71 1.98
C GLU B 85 -0.33 -16.57 2.26
N ASP B 86 -1.44 -16.56 1.52
CA ASP B 86 -2.51 -15.58 1.66
C ASP B 86 -3.71 -16.24 2.33
N PRO B 87 -3.92 -16.01 3.63
CA PRO B 87 -5.08 -16.64 4.29
C PRO B 87 -6.42 -16.24 3.69
N ALA B 88 -6.50 -15.06 3.07
CA ALA B 88 -7.75 -14.61 2.47
C ALA B 88 -8.27 -15.55 1.38
N THR B 89 -7.39 -16.35 0.76
CA THR B 89 -7.83 -17.27 -0.28
C THR B 89 -7.33 -18.69 -0.06
N ASP B 90 -6.71 -18.97 1.08
CA ASP B 90 -6.08 -20.27 1.35
C ASP B 90 -5.07 -20.64 0.25
N SER B 91 -4.28 -19.66 -0.20
CA SER B 91 -3.38 -19.82 -1.32
C SER B 91 -1.93 -19.89 -0.84
N LEU B 92 -1.21 -20.90 -1.30
CA LEU B 92 0.23 -21.01 -1.11
C LEU B 92 0.87 -20.88 -2.49
N VAL B 93 1.67 -19.84 -2.70
CA VAL B 93 2.27 -19.55 -4.01
C VAL B 93 3.78 -19.45 -3.80
N GLY B 94 4.53 -20.26 -4.54
CA GLY B 94 5.94 -20.48 -4.21
C GLY B 94 6.96 -19.96 -5.19
N ASP B 95 6.51 -19.33 -6.29
CA ASP B 95 7.39 -18.80 -7.31
C ASP B 95 7.11 -17.31 -7.54
N SER B 96 8.18 -16.52 -7.67
CA SER B 96 8.06 -15.06 -7.69
C SER B 96 7.17 -14.55 -8.81
N PHE B 97 7.29 -15.13 -10.01
CA PHE B 97 6.43 -14.67 -11.10
C PHE B 97 4.98 -15.06 -10.85
N ASP B 98 4.75 -16.32 -10.44
CA ASP B 98 3.39 -16.74 -10.14
C ASP B 98 2.79 -15.93 -9.00
N ILE B 99 3.62 -15.49 -8.05
CA ILE B 99 3.14 -14.66 -6.96
C ILE B 99 2.64 -13.32 -7.50
N ALA B 100 3.41 -12.71 -8.40
CA ALA B 100 3.00 -11.43 -8.97
C ALA B 100 1.70 -11.59 -9.75
N VAL B 101 1.54 -12.70 -10.46
CA VAL B 101 0.30 -12.96 -11.17
C VAL B 101 -0.85 -13.16 -10.17
N TYR B 102 -0.61 -13.90 -9.10
CA TYR B 102 -1.60 -14.07 -8.05
C TYR B 102 -2.04 -12.73 -7.49
N LEU B 103 -1.08 -11.86 -7.17
CA LEU B 103 -1.42 -10.58 -6.56
C LEU B 103 -2.21 -9.68 -7.51
N GLN B 104 -1.94 -9.80 -8.81
CA GLN B 104 -2.68 -8.97 -9.76
C GLN B 104 -4.12 -9.45 -9.90
N LYS B 105 -4.33 -10.76 -9.97
CA LYS B 105 -5.68 -11.27 -10.20
C LYS B 105 -6.55 -11.19 -8.95
N THR B 106 -5.94 -11.15 -7.77
CA THR B 106 -6.64 -11.16 -6.50
C THR B 106 -6.87 -9.75 -5.95
N TYR B 107 -5.91 -8.86 -6.12
CA TYR B 107 -6.02 -7.47 -5.68
C TYR B 107 -5.76 -6.53 -6.84
N PRO B 108 -6.59 -6.60 -7.89
CA PRO B 108 -6.21 -5.92 -9.14
C PRO B 108 -6.13 -4.41 -9.04
N LYS B 109 -6.80 -3.78 -8.08
CA LYS B 109 -6.80 -2.32 -8.04
C LYS B 109 -6.21 -1.75 -6.75
N SER B 110 -5.65 -2.60 -5.89
CA SER B 110 -5.08 -2.14 -4.64
C SER B 110 -3.78 -1.36 -4.87
N GLY B 111 -3.49 -0.44 -3.96
CA GLY B 111 -2.21 0.26 -3.95
C GLY B 111 -1.98 1.07 -5.20
N ALA B 112 -0.85 0.82 -5.88
CA ALA B 112 -0.52 1.54 -7.10
C ALA B 112 -1.27 1.01 -8.31
N GLY B 113 -2.10 -0.01 -8.15
CA GLY B 113 -2.94 -0.49 -9.23
C GLY B 113 -2.31 -1.66 -9.99
N ASP B 114 -2.34 -1.57 -11.31
CA ASP B 114 -2.01 -2.69 -12.19
C ASP B 114 -0.52 -3.04 -12.14
N LEU B 115 -0.21 -4.30 -11.87
CA LEU B 115 1.18 -4.75 -11.97
C LEU B 115 1.56 -5.06 -13.41
N PHE B 116 0.60 -5.33 -14.28
CA PHE B 116 0.90 -5.78 -15.64
C PHE B 116 0.17 -4.93 -16.68
N PRO B 117 0.40 -3.61 -16.70
CA PRO B 117 -0.16 -2.78 -17.78
C PRO B 117 0.46 -3.14 -19.12
N PRO B 118 -0.33 -3.15 -20.19
CA PRO B 118 0.20 -3.60 -21.47
C PRO B 118 1.32 -2.69 -21.94
N GLN B 119 2.39 -3.31 -22.44
CA GLN B 119 3.53 -2.60 -22.99
C GLN B 119 4.41 -3.58 -23.78
N SER B 120 5.07 -3.05 -24.80
CA SER B 120 6.23 -3.71 -25.37
C SER B 120 7.30 -3.77 -24.30
N LEU B 121 7.91 -4.94 -24.16
CA LEU B 121 9.10 -5.08 -23.33
C LEU B 121 10.16 -5.66 -24.24
N ASP B 122 10.59 -4.86 -25.21
CA ASP B 122 11.38 -5.32 -26.33
C ASP B 122 12.84 -5.33 -25.88
N TYR B 123 13.19 -6.37 -25.13
CA TYR B 123 14.54 -6.52 -24.61
C TYR B 123 14.98 -7.98 -24.78
N VAL B 124 16.18 -8.18 -25.31
CA VAL B 124 16.76 -9.50 -25.52
C VAL B 124 18.14 -9.50 -24.88
N PHE B 125 18.38 -10.38 -23.91
CA PHE B 125 19.74 -10.55 -23.39
C PHE B 125 20.50 -11.43 -24.36
N LYS B 126 21.44 -10.84 -25.09
CA LYS B 126 22.03 -11.56 -26.20
C LYS B 126 23.00 -12.66 -25.76
N HIS B 127 23.33 -12.75 -24.47
CA HIS B 127 24.21 -13.81 -24.00
C HIS B 127 23.46 -14.99 -23.42
N ASN B 128 22.14 -15.07 -23.66
CA ASN B 128 21.39 -16.29 -23.36
C ASN B 128 21.89 -17.47 -24.16
N GLY B 129 22.22 -17.25 -25.44
CA GLY B 129 22.42 -18.35 -26.34
C GLY B 129 21.11 -19.11 -26.58
N ILE B 130 21.22 -20.23 -27.28
CA ILE B 130 20.05 -20.93 -27.77
C ILE B 130 19.97 -22.37 -27.27
N LEU B 131 20.88 -22.79 -26.39
CA LEU B 131 20.99 -24.21 -26.05
C LEU B 131 20.70 -24.57 -24.60
N VAL B 132 20.76 -23.62 -23.68
CA VAL B 132 20.53 -23.92 -22.26
C VAL B 132 19.10 -24.46 -22.04
N PRO B 133 18.93 -25.65 -21.45
CA PRO B 133 17.58 -26.19 -21.27
C PRO B 133 16.81 -25.37 -20.25
N LEU B 134 15.48 -25.36 -20.42
CA LEU B 134 14.59 -24.42 -19.74
C LEU B 134 13.34 -25.13 -19.25
N SER B 135 12.98 -24.89 -17.98
CA SER B 135 11.74 -25.40 -17.38
C SER B 135 10.50 -25.42 -18.30
N GLU B 136 10.06 -24.27 -18.79
CA GLU B 136 8.98 -24.17 -19.79
C GLU B 136 7.54 -24.41 -19.29
N CYS B 137 6.73 -23.34 -19.28
CA CYS B 137 5.34 -23.45 -18.89
C CYS B 137 4.47 -23.92 -20.06
N ARG B 138 3.24 -24.31 -19.72
CA ARG B 138 2.26 -24.72 -20.73
C ARG B 138 1.60 -23.51 -21.41
N GLU B 139 1.13 -22.53 -20.64
CA GLU B 139 0.32 -21.46 -21.21
C GLU B 139 0.96 -20.07 -21.12
N SER B 140 1.43 -19.64 -19.94
CA SER B 140 2.06 -18.34 -19.76
C SER B 140 1.08 -17.17 -19.78
N GLU B 141 1.04 -16.41 -18.70
CA GLU B 141 0.25 -15.19 -18.62
C GLU B 141 1.17 -13.99 -18.67
N PHE B 142 0.72 -12.94 -19.35
CA PHE B 142 1.50 -11.70 -19.53
C PHE B 142 2.83 -12.02 -20.19
N PRO B 143 2.81 -12.56 -21.41
CA PRO B 143 4.02 -13.16 -21.98
C PRO B 143 5.16 -12.17 -22.19
N GLU B 144 4.85 -10.91 -22.48
CA GLU B 144 5.91 -9.92 -22.57
C GLU B 144 6.65 -9.80 -21.24
N TYR B 145 5.91 -9.82 -20.13
CA TYR B 145 6.54 -9.75 -18.82
C TYR B 145 7.24 -11.04 -18.48
N ALA B 146 6.66 -12.16 -18.92
CA ALA B 146 7.24 -13.48 -18.67
C ALA B 146 8.61 -13.61 -19.33
N ARG B 147 8.73 -13.21 -20.61
CA ARG B 147 10.03 -13.16 -21.26
C ARG B 147 10.94 -12.12 -20.63
N PHE B 148 10.37 -10.98 -20.18
CA PHE B 148 11.20 -9.96 -19.56
C PHE B 148 11.85 -10.47 -18.28
N ASN B 149 11.10 -11.21 -17.48
CA ASN B 149 11.61 -11.72 -16.21
C ASN B 149 12.80 -12.66 -16.42
N MET B 150 12.74 -13.52 -17.45
CA MET B 150 13.86 -14.42 -17.67
C MET B 150 15.06 -13.68 -18.22
N ASN B 151 14.84 -12.71 -19.12
CA ASN B 151 15.95 -11.98 -19.72
C ASN B 151 16.65 -11.07 -18.71
N ILE B 152 15.87 -10.44 -17.81
CA ILE B 152 16.45 -9.61 -16.75
C ILE B 152 17.23 -10.46 -15.77
N ASP B 153 16.66 -11.61 -15.39
CA ASP B 153 17.37 -12.54 -14.50
C ASP B 153 18.72 -12.91 -15.09
N ALA B 154 18.73 -13.32 -16.36
CA ALA B 154 19.98 -13.77 -16.97
C ALA B 154 20.97 -12.61 -17.08
N ALA B 155 20.48 -11.41 -17.40
CA ALA B 155 21.36 -10.27 -17.58
C ALA B 155 22.07 -9.90 -16.28
N PHE B 156 21.35 -9.90 -15.15
CA PHE B 156 21.96 -9.53 -13.89
C PHE B 156 22.68 -10.73 -13.25
N THR B 157 22.12 -11.93 -13.37
CA THR B 157 22.72 -13.06 -12.68
C THR B 157 24.11 -13.39 -13.24
N THR B 158 24.34 -13.12 -14.53
CA THR B 158 25.67 -13.32 -15.11
C THR B 158 26.71 -12.36 -14.57
N HIS B 159 26.31 -11.32 -13.84
CA HIS B 159 27.26 -10.35 -13.29
C HIS B 159 27.40 -10.47 -11.79
N THR B 160 26.87 -11.53 -11.25
CA THR B 160 26.69 -11.66 -9.82
C THR B 160 27.96 -12.11 -9.08
N GLN B 161 29.01 -12.51 -9.79
CA GLN B 161 30.30 -12.67 -9.10
C GLN B 161 30.79 -11.35 -8.50
N LEU B 162 30.32 -10.22 -9.03
CA LEU B 162 30.62 -8.93 -8.42
C LEU B 162 30.13 -8.81 -6.98
N THR B 163 29.14 -9.63 -6.59
CA THR B 163 28.48 -9.49 -5.29
C THR B 163 29.11 -10.32 -4.17
N VAL B 164 30.04 -11.25 -4.48
CA VAL B 164 30.37 -12.29 -3.50
C VAL B 164 31.13 -11.71 -2.31
N GLN B 165 32.12 -10.86 -2.54
CA GLN B 165 32.86 -10.28 -1.42
C GLN B 165 31.93 -9.55 -0.46
N GLY B 166 30.85 -8.97 -0.97
CA GLY B 166 29.91 -8.26 -0.11
C GLY B 166 28.70 -9.04 0.34
N PHE B 167 28.63 -10.36 0.09
CA PHE B 167 27.40 -11.10 0.35
C PHE B 167 27.16 -11.24 1.86
N PRO B 168 25.98 -10.85 2.36
CA PRO B 168 25.73 -10.82 3.82
C PRO B 168 25.23 -12.15 4.39
N PHE B 169 26.13 -13.11 4.53
CA PHE B 169 25.75 -14.47 4.94
C PHE B 169 25.15 -14.47 6.33
N ASP B 170 24.06 -15.19 6.49
CA ASP B 170 23.63 -15.54 7.83
C ASP B 170 24.67 -16.49 8.41
N PRO B 171 25.32 -16.14 9.52
CA PRO B 171 26.45 -16.95 9.99
C PRO B 171 26.06 -18.38 10.33
N ALA B 172 24.80 -18.62 10.69
CA ALA B 172 24.34 -19.98 10.94
C ALA B 172 24.41 -20.83 9.68
N THR B 173 24.27 -20.23 8.49
CA THR B 173 24.22 -20.98 7.24
C THR B 173 25.35 -20.62 6.29
N ALA B 174 26.36 -19.88 6.74
CA ALA B 174 27.33 -19.33 5.82
C ALA B 174 28.03 -20.42 5.03
N GLU B 175 28.51 -21.45 5.72
CA GLU B 175 29.34 -22.44 5.03
C GLU B 175 28.52 -23.26 4.05
N ALA B 176 27.30 -23.64 4.44
CA ALA B 176 26.44 -24.36 3.50
C ALA B 176 26.08 -23.49 2.30
N THR B 177 25.82 -22.20 2.54
CA THR B 177 25.50 -21.30 1.42
C THR B 177 26.72 -21.10 0.52
N LYS B 178 27.89 -20.86 1.10
CA LYS B 178 29.12 -20.76 0.31
C LYS B 178 29.32 -22.01 -0.57
N ALA B 179 29.10 -23.20 0.00
CA ALA B 179 29.32 -24.45 -0.75
C ALA B 179 28.37 -24.56 -1.93
N GLU B 180 27.10 -24.14 -1.77
CA GLU B 180 26.17 -24.15 -2.88
C GLU B 180 26.55 -23.13 -3.95
N PHE B 181 26.97 -21.92 -3.53
CA PHE B 181 27.43 -20.91 -4.49
C PHE B 181 28.61 -21.45 -5.31
N VAL B 182 29.54 -22.13 -4.63
CA VAL B 182 30.70 -22.71 -5.31
C VAL B 182 30.26 -23.71 -6.39
N ARG B 183 29.28 -24.57 -6.07
CA ARG B 183 28.77 -25.49 -7.09
C ARG B 183 28.14 -24.74 -8.24
N ARG B 184 27.33 -23.72 -7.94
CA ARG B 184 26.60 -23.01 -8.99
C ARG B 184 27.52 -22.18 -9.87
N GLY B 185 28.62 -21.66 -9.32
CA GLY B 185 29.61 -20.93 -10.07
C GLY B 185 30.66 -21.80 -10.77
N GLY B 186 30.60 -23.11 -10.59
CA GLY B 186 31.50 -24.06 -11.23
C GLY B 186 32.96 -23.92 -10.83
N VAL B 187 33.24 -23.60 -9.58
CA VAL B 187 34.60 -23.40 -9.12
C VAL B 187 34.93 -24.50 -8.09
N SER B 188 36.20 -24.55 -7.69
CA SER B 188 36.60 -25.63 -6.77
C SER B 188 36.42 -25.24 -5.31
N CYS B 189 36.50 -23.96 -4.99
CA CYS B 189 36.38 -23.52 -3.61
C CYS B 189 36.01 -22.04 -3.56
N TRP B 190 35.64 -21.58 -2.37
CA TRP B 190 35.10 -20.23 -2.18
C TRP B 190 36.10 -19.16 -2.61
N ASP B 191 37.38 -19.34 -2.29
CA ASP B 191 38.40 -18.36 -2.68
C ASP B 191 38.60 -18.27 -4.19
N ASP B 192 38.19 -19.28 -4.97
CA ASP B 192 38.23 -19.12 -6.42
C ASP B 192 37.38 -17.94 -6.91
N PHE B 193 36.43 -17.46 -6.10
CA PHE B 193 35.55 -16.38 -6.54
C PHE B 193 36.22 -15.01 -6.47
N ALA B 194 37.37 -14.90 -5.80
CA ALA B 194 38.14 -13.66 -5.72
C ALA B 194 38.29 -13.05 -7.11
N LEU B 195 37.70 -11.88 -7.33
CA LEU B 195 37.93 -11.11 -8.55
C LEU B 195 38.29 -9.69 -8.15
N VAL B 196 39.54 -9.33 -8.40
CA VAL B 196 40.13 -8.11 -7.88
C VAL B 196 40.76 -7.38 -9.04
N GLY B 197 41.23 -6.16 -8.76
CA GLY B 197 41.94 -5.35 -9.72
C GLY B 197 41.32 -5.38 -11.11
N GLU B 198 42.07 -5.94 -12.05
CA GLU B 198 41.73 -5.75 -13.45
C GLU B 198 40.61 -6.68 -13.91
N GLN B 199 40.46 -7.85 -13.31
CA GLN B 199 39.31 -8.69 -13.66
C GLN B 199 38.02 -8.07 -13.14
N ARG B 200 38.07 -7.45 -11.96
CA ARG B 200 36.88 -6.79 -11.43
C ARG B 200 36.47 -5.63 -12.32
N GLU B 201 37.45 -4.80 -12.72
CA GLU B 201 37.18 -3.67 -13.60
C GLU B 201 36.52 -4.13 -14.91
N LYS B 202 37.01 -5.23 -15.47
CA LYS B 202 36.44 -5.73 -16.72
C LYS B 202 35.02 -6.26 -16.49
N MET B 203 34.79 -6.91 -15.35
CA MET B 203 33.44 -7.35 -15.05
C MET B 203 32.51 -6.15 -14.84
N MET B 204 33.03 -5.04 -14.28
CA MET B 204 32.23 -3.83 -14.14
C MET B 204 31.90 -3.21 -15.51
N ASP B 205 32.87 -3.23 -16.43
CA ASP B 205 32.61 -2.71 -17.78
C ASP B 205 31.56 -3.54 -18.50
N SER B 206 31.67 -4.87 -18.41
CA SER B 206 30.62 -5.73 -18.93
C SER B 206 29.26 -5.41 -18.30
N PHE B 207 29.24 -5.20 -16.98
CA PHE B 207 27.97 -4.87 -16.30
C PHE B 207 27.44 -3.54 -16.83
N GLN B 208 28.31 -2.54 -17.01
CA GLN B 208 27.84 -1.27 -17.56
C GLN B 208 27.36 -1.45 -19.00
N ASN B 209 28.05 -2.28 -19.78
CA ASN B 209 27.62 -2.49 -21.16
C ASN B 209 26.23 -3.08 -21.19
N MET B 210 25.95 -4.03 -20.30
CA MET B 210 24.61 -4.62 -20.24
C MET B 210 23.59 -3.56 -19.85
N LEU B 211 23.91 -2.76 -18.82
CA LEU B 211 22.95 -1.74 -18.38
C LEU B 211 22.69 -0.71 -19.46
N GLY B 212 23.67 -0.46 -20.33
CA GLY B 212 23.48 0.49 -21.42
C GLY B 212 22.47 0.01 -22.43
N ASP B 213 22.47 -1.29 -22.75
CA ASP B 213 21.44 -1.82 -23.65
C ASP B 213 20.07 -1.78 -22.99
N LEU B 214 20.00 -2.14 -21.70
CA LEU B 214 18.73 -2.11 -21.00
C LEU B 214 18.21 -0.68 -20.85
N ALA B 215 19.11 0.29 -20.72
CA ALA B 215 18.68 1.68 -20.52
C ALA B 215 17.93 2.21 -21.74
N LYS B 216 18.22 1.68 -22.93
CA LYS B 216 17.53 2.14 -24.14
C LYS B 216 16.01 2.09 -23.99
N LEU B 217 15.50 1.14 -23.19
CA LEU B 217 14.06 1.02 -23.01
C LEU B 217 13.50 2.15 -22.18
N PHE B 218 14.31 2.73 -21.27
CA PHE B 218 13.85 3.83 -20.46
C PHE B 218 13.87 5.17 -21.19
N LEU B 219 14.35 5.19 -22.42
CA LEU B 219 14.34 6.40 -23.24
C LEU B 219 13.06 6.53 -24.06
N LYS B 220 12.23 5.48 -24.11
CA LYS B 220 11.04 5.51 -24.94
C LYS B 220 9.99 6.47 -24.38
N ASP B 221 9.87 6.57 -23.07
CA ASP B 221 8.96 7.51 -22.43
C ASP B 221 9.73 8.24 -21.34
N THR B 222 10.20 9.44 -21.66
CA THR B 222 11.01 10.21 -20.73
C THR B 222 10.20 11.10 -19.81
N SER B 223 8.86 10.98 -19.80
CA SER B 223 8.08 11.79 -18.89
C SER B 223 8.22 11.34 -17.45
N GLY B 224 8.81 10.17 -17.20
CA GLY B 224 9.04 9.70 -15.86
C GLY B 224 10.17 8.70 -15.79
N PRO B 225 10.43 8.16 -14.59
CA PRO B 225 11.57 7.27 -14.40
C PRO B 225 11.32 5.80 -14.68
N PHE B 226 10.07 5.40 -14.90
CA PHE B 226 9.71 4.00 -15.12
C PHE B 226 9.66 3.70 -16.62
N LEU B 227 9.58 2.40 -16.93
CA LEU B 227 9.45 1.98 -18.33
C LEU B 227 8.27 2.67 -19.02
N LEU B 228 7.14 2.76 -18.34
CA LEU B 228 6.02 3.54 -18.88
C LEU B 228 6.00 4.97 -18.34
N GLY B 229 7.17 5.57 -18.14
CA GLY B 229 7.24 6.97 -17.73
C GLY B 229 6.86 7.18 -16.28
N THR B 230 5.69 7.79 -16.03
CA THR B 230 5.19 7.99 -14.68
C THR B 230 4.43 6.78 -14.13
N LYS B 231 4.10 5.80 -14.95
CA LYS B 231 3.38 4.59 -14.51
C LYS B 231 4.38 3.44 -14.31
N ALA B 232 4.47 2.94 -13.08
CA ALA B 232 5.31 1.80 -12.73
C ALA B 232 4.59 0.49 -13.06
N SER B 233 5.38 -0.58 -13.17
CA SER B 233 4.89 -1.91 -13.51
C SER B 233 5.77 -2.96 -12.83
N TYR B 234 5.31 -4.22 -12.89
CA TYR B 234 6.12 -5.31 -12.37
C TYR B 234 7.45 -5.41 -13.10
N ALA B 235 7.50 -5.00 -14.37
CA ALA B 235 8.76 -5.02 -15.09
C ALA B 235 9.79 -4.08 -14.47
N ASP B 236 9.36 -2.91 -13.99
CA ASP B 236 10.27 -2.03 -13.25
C ASP B 236 10.71 -2.68 -11.95
N LEU B 237 9.82 -3.45 -11.32
CA LEU B 237 10.15 -4.06 -10.02
C LEU B 237 11.16 -5.18 -10.18
N MET B 238 11.08 -5.94 -11.27
CA MET B 238 12.10 -6.95 -11.60
C MET B 238 13.50 -6.33 -11.55
N ILE B 239 13.67 -5.19 -12.23
CA ILE B 239 14.96 -4.50 -12.27
C ILE B 239 15.30 -3.92 -10.91
N GLY B 240 14.32 -3.31 -10.23
CA GLY B 240 14.60 -2.77 -8.91
C GLY B 240 15.06 -3.82 -7.93
N ALA B 241 14.51 -5.04 -8.04
CA ALA B 241 14.93 -6.13 -7.17
C ALA B 241 16.41 -6.47 -7.38
N TRP B 242 16.84 -6.58 -8.63
CA TRP B 242 18.24 -6.87 -8.86
C TRP B 242 19.13 -5.70 -8.42
N LEU B 243 18.63 -4.47 -8.53
CA LEU B 243 19.39 -3.33 -8.04
C LEU B 243 19.57 -3.36 -6.53
N ARG B 244 18.53 -3.77 -5.79
CA ARG B 244 18.64 -3.89 -4.34
C ARG B 244 19.75 -4.87 -3.96
N MET B 245 19.87 -5.99 -4.68
CA MET B 245 20.98 -6.90 -4.40
C MET B 245 22.33 -6.24 -4.67
N MET B 246 22.47 -5.56 -5.80
CA MET B 246 23.70 -4.84 -6.11
C MET B 246 24.01 -3.81 -5.03
N HIS B 247 22.97 -3.11 -4.55
CA HIS B 247 23.15 -2.02 -3.59
C HIS B 247 23.65 -2.51 -2.23
N VAL B 248 23.19 -3.68 -1.78
CA VAL B 248 23.70 -4.26 -0.54
C VAL B 248 25.14 -4.77 -0.70
N THR B 249 25.47 -5.36 -1.86
CA THR B 249 26.69 -6.14 -1.96
C THR B 249 27.85 -5.41 -2.61
N LEU B 250 27.60 -4.37 -3.42
CA LEU B 250 28.72 -3.68 -4.03
C LEU B 250 29.30 -2.66 -3.06
N PRO B 251 30.59 -2.37 -3.18
CA PRO B 251 31.11 -1.12 -2.59
C PRO B 251 30.23 0.06 -3.00
N GLU B 252 30.02 1.01 -2.09
CA GLU B 252 29.22 2.17 -2.42
C GLU B 252 29.76 2.90 -3.65
N SER B 253 31.08 2.93 -3.81
CA SER B 253 31.67 3.58 -4.98
C SER B 253 31.29 2.88 -6.28
N GLU B 254 31.14 1.55 -6.25
CA GLU B 254 30.67 0.86 -7.44
C GLU B 254 29.16 1.05 -7.64
N TRP B 255 28.40 0.97 -6.56
CA TRP B 255 26.98 1.32 -6.62
C TRP B 255 26.78 2.71 -7.23
N GLU B 256 27.61 3.68 -6.84
CA GLU B 256 27.48 5.02 -7.41
C GLU B 256 27.69 5.02 -8.90
N GLU B 257 28.63 4.21 -9.39
CA GLU B 257 28.77 4.10 -10.84
C GLU B 257 27.48 3.56 -11.47
N VAL B 258 26.89 2.53 -10.85
CA VAL B 258 25.63 2.00 -11.36
C VAL B 258 24.54 3.07 -11.32
N ARG B 259 24.53 3.87 -10.26
CA ARG B 259 23.49 4.89 -10.16
C ARG B 259 23.60 5.92 -11.27
N SER B 260 24.81 6.27 -11.68
CA SER B 260 24.99 7.48 -12.47
C SER B 260 25.32 7.23 -13.94
N TRP B 261 25.75 6.02 -14.30
CA TRP B 261 25.92 5.62 -15.70
C TRP B 261 24.67 5.87 -16.51
N HIS B 262 24.84 6.00 -17.82
CA HIS B 262 23.72 6.04 -18.77
C HIS B 262 22.67 7.05 -18.32
N GLU B 263 23.14 8.28 -18.13
CA GLU B 263 22.29 9.41 -17.76
C GLU B 263 21.58 9.19 -16.44
N GLY B 264 22.09 8.28 -15.62
CA GLY B 264 21.51 8.09 -14.31
C GLY B 264 20.19 7.37 -14.32
N ILE B 265 19.88 6.64 -15.39
CA ILE B 265 18.56 6.04 -15.52
C ILE B 265 18.26 5.09 -14.36
N PHE B 266 19.27 4.30 -13.92
CA PHE B 266 18.99 3.31 -12.87
C PHE B 266 19.01 3.92 -11.47
N GLY B 267 19.79 4.97 -11.24
CA GLY B 267 19.64 5.72 -10.00
C GLY B 267 18.26 6.34 -9.89
N GLN B 268 17.77 6.92 -10.99
CA GLN B 268 16.42 7.46 -11.01
C GLN B 268 15.39 6.37 -10.76
N LEU B 269 15.57 5.20 -11.39
CA LEU B 269 14.65 4.09 -11.16
C LEU B 269 14.69 3.68 -9.69
N TYR B 270 15.89 3.46 -9.16
CA TYR B 270 16.03 3.06 -7.76
C TYR B 270 15.35 4.04 -6.82
N ASP B 271 15.63 5.34 -7.02
CA ASP B 271 15.00 6.37 -6.18
C ASP B 271 13.48 6.29 -6.28
N ALA B 272 12.95 6.23 -7.50
CA ALA B 272 11.51 6.20 -7.66
C ALA B 272 10.88 4.94 -7.07
N LEU B 273 11.67 3.90 -6.83
CA LEU B 273 11.11 2.67 -6.27
C LEU B 273 11.21 2.61 -4.76
N GLU B 274 11.92 3.53 -4.13
CA GLU B 274 12.11 3.44 -2.69
C GLU B 274 10.79 3.53 -1.94
N THR B 275 9.75 4.15 -2.54
CA THR B 275 8.44 4.15 -1.92
C THR B 275 7.84 2.75 -1.81
N TYR B 276 8.30 1.79 -2.62
CA TYR B 276 7.82 0.40 -2.54
C TYR B 276 8.82 -0.54 -1.86
N ALA B 277 9.80 0.00 -1.16
CA ALA B 277 10.92 -0.79 -0.68
C ALA B 277 10.93 -0.98 0.82
N GLU B 278 9.84 -0.68 1.52
CA GLU B 278 9.82 -0.93 2.97
C GLU B 278 10.00 -2.40 3.31
N VAL B 279 10.86 -2.68 4.28
CA VAL B 279 11.12 -4.05 4.74
C VAL B 279 10.30 -4.26 6.02
N LYS B 280 9.09 -4.76 5.87
CA LYS B 280 8.20 -5.00 7.00
C LYS B 280 7.86 -6.48 7.15
#